data_1IDV
#
_entry.id   1IDV
#
_cell.length_a   ?
_cell.length_b   ?
_cell.length_c   ?
_cell.angle_alpha   ?
_cell.angle_beta   ?
_cell.angle_gamma   ?
#
_entity_poly.entity_id   1
_entity_poly.type   'polyribonucleotide'
_entity_poly.pdbx_seq_one_letter_code
;GGGCGUGCCC
;
_entity_poly.pdbx_strand_id   A
#
loop_
_chem_comp.id
_chem_comp.type
_chem_comp.name
_chem_comp.formula
C RNA linking CYTIDINE-5'-MONOPHOSPHATE 'C9 H14 N3 O8 P'
G RNA linking GUANOSINE-5'-MONOPHOSPHATE 'C10 H14 N5 O8 P'
U RNA linking URIDINE-5'-MONOPHOSPHATE 'C9 H13 N2 O9 P'
#